data_2VXC
#
_entry.id   2VXC
#
_cell.length_a   73.358
_cell.length_b   140.415
_cell.length_c   56.875
_cell.angle_alpha   90.00
_cell.angle_beta   90.00
_cell.angle_gamma   90.00
#
_symmetry.space_group_name_H-M   'P 21 21 2'
#
loop_
_entity.id
_entity.type
_entity.pdbx_description
1 polymer 'DNA REPAIR PROTEIN RHP9'
2 polymer 'H2A1 PEPTIDE'
3 non-polymer 'PRASEODYMIUM ION'
4 water water
#
loop_
_entity_poly.entity_id
_entity_poly.type
_entity_poly.pdbx_seq_one_letter_code
_entity_poly.pdbx_strand_id
1 'polypeptide(L)'
;QLIFDDCVFAFSGPVHEDAYDRSALETVVQDHGGLVLDTGLRPLFNDPFKSKQKKLRHLKPQKRSKSWNQAFVVSDTFSR
KVKYLEALAFNIPCVHPQFIKQCLKMNRVVDFSPYLLASGYSHRLDCTLSQRIEPFDTTDSLYDRLLARKGPLFGKKILF
IIPEAKSWQKKIENTEQGQKALAHVYHALALGADVEIRPNVAHLECDLILTMDGNIVDETNCPVVDPEWIVECLISQSDI
ST
;
A,B
2 'polypeptide(L)' (SEP)QEL C
#
loop_
_chem_comp.id
_chem_comp.type
_chem_comp.name
_chem_comp.formula
PR non-polymer 'PRASEODYMIUM ION' 'Pr 3'
#
# COMPACT_ATOMS: atom_id res chain seq x y z
N GLN A 1 12.82 9.30 26.58
CA GLN A 1 14.02 8.61 26.10
C GLN A 1 14.50 9.16 24.75
N LEU A 2 15.17 8.30 23.98
CA LEU A 2 15.49 8.59 22.58
C LEU A 2 14.45 7.97 21.65
N ILE A 3 13.82 8.81 20.85
CA ILE A 3 12.73 8.45 19.97
C ILE A 3 12.80 7.05 19.34
N PHE A 4 13.92 6.72 18.72
CA PHE A 4 14.01 5.46 17.98
C PHE A 4 14.56 4.36 18.88
N ASP A 5 14.20 4.44 20.15
CA ASP A 5 14.72 3.56 21.18
C ASP A 5 14.71 2.08 20.79
N ASP A 6 13.58 1.59 20.31
CA ASP A 6 13.42 0.16 20.11
C ASP A 6 13.22 -0.17 18.66
N CYS A 7 13.72 0.71 17.80
CA CYS A 7 13.55 0.57 16.36
C CYS A 7 14.82 0.11 15.67
N VAL A 8 14.68 -0.82 14.76
CA VAL A 8 15.78 -1.24 13.91
C VAL A 8 15.59 -0.62 12.54
N PHE A 9 16.66 -0.09 11.96
CA PHE A 9 16.61 0.51 10.64
C PHE A 9 17.59 -0.12 9.67
N ALA A 10 17.23 -0.13 8.41
CA ALA A 10 18.18 -0.43 7.35
C ALA A 10 17.93 0.61 6.28
N PHE A 11 18.98 1.02 5.60
CA PHE A 11 18.81 1.96 4.52
C PHE A 11 19.15 1.29 3.21
N SER A 12 18.35 1.57 2.20
CA SER A 12 18.59 1.02 0.88
C SER A 12 18.77 2.19 -0.05
N GLY A 13 19.45 1.98 -1.17
CA GLY A 13 19.66 3.05 -2.13
C GLY A 13 20.50 4.18 -1.55
N PRO A 14 20.17 5.43 -1.91
CA PRO A 14 19.02 5.83 -2.71
C PRO A 14 18.94 5.15 -4.06
N VAL A 15 17.72 4.81 -4.48
CA VAL A 15 17.49 4.35 -5.84
C VAL A 15 17.85 5.43 -6.86
N HIS A 16 17.63 6.69 -6.50
CA HIS A 16 17.92 7.82 -7.37
C HIS A 16 18.96 8.75 -6.80
N GLU A 17 19.91 9.15 -7.62
CA GLU A 17 21.02 9.98 -7.15
C GLU A 17 20.54 11.09 -6.25
N ASP A 18 21.20 11.23 -5.10
CA ASP A 18 20.98 12.37 -4.21
C ASP A 18 19.53 12.48 -3.77
N ALA A 19 18.79 11.40 -3.89
CA ALA A 19 17.39 11.39 -3.47
C ALA A 19 17.24 11.58 -1.97
N TYR A 20 18.20 11.10 -1.19
CA TYR A 20 18.24 11.39 0.24
C TYR A 20 19.65 11.30 0.83
N ASP A 21 19.85 11.95 1.96
CA ASP A 21 21.17 11.97 2.59
C ASP A 21 21.33 10.77 3.49
N ARG A 22 21.60 9.62 2.90
CA ARG A 22 21.66 8.39 3.67
C ARG A 22 22.68 8.53 4.80
N SER A 23 23.91 8.89 4.44
CA SER A 23 24.96 9.15 5.42
C SER A 23 24.43 9.95 6.60
N ALA A 24 23.63 10.97 6.32
CA ALA A 24 23.08 11.87 7.33
C ALA A 24 22.02 11.21 8.17
N LEU A 25 21.01 10.67 7.50
CA LEU A 25 19.90 10.00 8.14
C LEU A 25 20.35 8.91 9.11
N GLU A 26 21.27 8.08 8.64
CA GLU A 26 21.77 6.99 9.46
C GLU A 26 22.18 7.57 10.80
N THR A 27 22.85 8.71 10.74
CA THR A 27 23.31 9.39 11.93
C THR A 27 22.15 9.80 12.82
N VAL A 28 21.24 10.59 12.29
CA VAL A 28 20.06 11.04 13.02
C VAL A 28 19.44 9.92 13.84
N VAL A 29 19.24 8.79 13.19
CA VAL A 29 18.62 7.63 13.82
C VAL A 29 19.47 7.11 14.99
N GLN A 30 20.76 6.92 14.75
CA GLN A 30 21.68 6.56 15.83
C GLN A 30 21.63 7.61 16.94
N ASP A 31 21.80 8.87 16.55
CA ASP A 31 21.73 9.99 17.49
C ASP A 31 20.48 9.92 18.34
N HIS A 32 19.46 9.20 17.88
CA HIS A 32 18.21 9.11 18.63
C HIS A 32 17.88 7.69 19.07
N GLY A 33 18.91 6.89 19.29
CA GLY A 33 18.75 5.62 19.97
C GLY A 33 18.38 4.47 19.08
N GLY A 34 18.30 4.73 17.79
CA GLY A 34 17.90 3.70 16.85
C GLY A 34 19.07 2.81 16.50
N LEU A 35 18.77 1.55 16.20
CA LEU A 35 19.78 0.62 15.73
C LEU A 35 19.81 0.64 14.21
N VAL A 36 21.00 0.64 13.63
CA VAL A 36 21.13 0.68 12.18
C VAL A 36 21.90 -0.53 11.65
N LEU A 37 21.20 -1.43 10.96
CA LEU A 37 21.82 -2.61 10.38
C LEU A 37 22.30 -2.32 8.96
N ASP A 38 23.61 -2.22 8.80
CA ASP A 38 24.19 -1.77 7.54
C ASP A 38 24.09 -2.80 6.44
N THR A 39 24.00 -4.07 6.80
CA THR A 39 23.92 -5.15 5.81
C THR A 39 22.48 -5.56 5.50
N GLY A 40 21.53 -4.95 6.17
CA GLY A 40 20.14 -5.33 5.98
C GLY A 40 19.61 -6.01 7.21
N LEU A 41 18.65 -6.89 7.03
CA LEU A 41 17.88 -7.41 8.16
C LEU A 41 18.22 -8.86 8.50
N ARG A 42 19.08 -9.47 7.70
CA ARG A 42 19.42 -10.87 7.90
C ARG A 42 19.87 -11.17 9.33
N PRO A 43 20.62 -10.24 9.94
CA PRO A 43 20.99 -10.35 11.36
C PRO A 43 19.84 -10.78 12.27
N LEU A 44 18.62 -10.37 11.95
CA LEU A 44 17.48 -10.65 12.81
C LEU A 44 17.05 -12.12 12.76
N PHE A 45 17.64 -12.89 11.86
CA PHE A 45 17.25 -14.28 11.67
C PHE A 45 18.46 -15.20 11.73
N ASN A 46 18.19 -16.50 11.80
CA ASN A 46 19.23 -17.50 11.72
C ASN A 46 19.88 -17.42 10.35
N ASP A 47 21.05 -18.04 10.24
CA ASP A 47 21.66 -18.26 8.94
C ASP A 47 21.30 -19.68 8.56
N PRO A 48 20.48 -19.84 7.52
CA PRO A 48 19.99 -21.16 7.11
C PRO A 48 21.15 -22.02 6.61
N PHE A 49 22.21 -21.36 6.18
CA PHE A 49 23.34 -22.04 5.56
C PHE A 49 24.52 -22.21 6.51
N LYS A 50 24.30 -21.97 7.80
CA LYS A 50 25.34 -22.20 8.80
C LYS A 50 25.83 -23.63 8.65
N SER A 51 25.02 -24.58 9.14
CA SER A 51 25.24 -25.99 8.86
C SER A 51 24.29 -26.38 7.75
N LYS A 52 24.61 -25.98 6.51
CA LYS A 52 23.75 -26.18 5.36
C LYS A 52 23.53 -27.67 5.04
N GLN A 53 22.87 -28.36 5.95
CA GLN A 53 22.65 -29.80 5.85
C GLN A 53 21.23 -30.12 5.41
N LYS A 54 20.40 -30.52 6.38
CA LYS A 54 19.07 -31.07 6.09
C LYS A 54 17.89 -30.22 6.57
N LYS A 55 17.35 -29.33 5.74
CA LYS A 55 17.81 -29.05 4.37
C LYS A 55 16.71 -28.45 3.52
N LEU A 56 16.22 -27.23 3.81
CA LEU A 56 16.59 -26.32 4.87
C LEU A 56 15.29 -25.79 5.48
N ARG A 57 15.24 -25.63 6.80
CA ARG A 57 14.05 -25.11 7.47
C ARG A 57 13.95 -23.60 7.32
N HIS A 58 12.74 -23.10 7.12
CA HIS A 58 12.50 -21.67 6.95
C HIS A 58 13.05 -20.86 8.13
N LEU A 59 13.08 -19.54 7.97
CA LEU A 59 13.77 -18.68 8.91
C LEU A 59 13.09 -18.59 10.27
N LYS A 60 13.93 -18.49 11.30
CA LYS A 60 13.47 -18.20 12.65
C LYS A 60 14.21 -16.97 13.14
N PRO A 61 13.57 -16.17 13.99
CA PRO A 61 14.19 -14.92 14.47
C PRO A 61 15.26 -15.18 15.51
N GLN A 62 16.47 -14.70 15.28
CA GLN A 62 17.52 -14.76 16.29
C GLN A 62 17.05 -14.05 17.56
N LYS A 63 17.42 -14.59 18.71
CA LYS A 63 16.86 -14.12 19.98
C LYS A 63 17.07 -12.63 20.19
N ARG A 64 18.11 -12.10 19.56
CA ARG A 64 18.41 -10.68 19.67
C ARG A 64 17.20 -9.80 19.38
N SER A 65 16.47 -10.11 18.32
CA SER A 65 15.30 -9.35 17.90
C SER A 65 14.31 -9.12 19.03
N LYS A 66 14.48 -9.82 20.14
CA LYS A 66 13.60 -9.68 21.29
C LYS A 66 13.73 -8.28 21.88
N SER A 67 14.85 -7.63 21.59
CA SER A 67 15.19 -6.36 22.23
C SER A 67 14.65 -5.14 21.48
N TRP A 68 13.98 -5.35 20.35
CA TRP A 68 13.33 -4.26 19.63
C TRP A 68 11.90 -4.61 19.25
N ASN A 69 11.11 -3.60 18.92
CA ASN A 69 9.71 -3.82 18.61
C ASN A 69 9.26 -3.29 17.24
N GLN A 70 10.13 -2.52 16.58
CA GLN A 70 9.82 -2.02 15.26
C GLN A 70 11.04 -2.03 14.35
N ALA A 71 10.80 -2.33 13.08
CA ALA A 71 11.86 -2.28 12.08
C ALA A 71 11.35 -1.63 10.80
N PHE A 72 12.24 -0.91 10.12
CA PHE A 72 11.91 -0.29 8.86
C PHE A 72 13.08 -0.40 7.91
N VAL A 73 12.79 -0.54 6.62
CA VAL A 73 13.79 -0.29 5.60
C VAL A 73 13.51 1.05 4.92
N VAL A 74 14.46 1.96 4.96
CA VAL A 74 14.28 3.26 4.36
C VAL A 74 14.76 3.24 2.91
N SER A 75 13.96 3.80 2.03
CA SER A 75 14.33 3.93 0.65
C SER A 75 13.58 5.12 0.08
N ASP A 76 14.14 5.74 -0.94
CA ASP A 76 13.51 6.91 -1.53
C ASP A 76 12.32 6.41 -2.35
N THR A 77 12.40 5.17 -2.80
CA THR A 77 11.32 4.57 -3.57
C THR A 77 11.51 3.05 -3.60
N PHE A 78 10.55 2.33 -4.15
CA PHE A 78 10.67 0.89 -4.17
C PHE A 78 11.75 0.45 -5.14
N SER A 79 12.40 -0.66 -4.83
CA SER A 79 13.43 -1.20 -5.69
C SER A 79 13.48 -2.71 -5.57
N ARG A 80 14.43 -3.33 -6.26
CA ARG A 80 14.64 -4.76 -6.13
C ARG A 80 16.00 -4.99 -5.49
N LYS A 81 16.54 -3.91 -4.94
CA LYS A 81 17.77 -3.98 -4.15
C LYS A 81 17.54 -4.95 -3.00
N VAL A 82 18.56 -5.73 -2.66
CA VAL A 82 18.36 -6.89 -1.80
C VAL A 82 17.81 -6.54 -0.40
N LYS A 83 18.15 -5.38 0.15
CA LYS A 83 17.58 -4.95 1.41
C LYS A 83 16.08 -4.73 1.26
N TYR A 84 15.68 -4.20 0.11
CA TYR A 84 14.26 -3.99 -0.16
C TYR A 84 13.55 -5.33 -0.21
N LEU A 85 14.07 -6.24 -1.03
CA LEU A 85 13.48 -7.56 -1.17
C LEU A 85 13.42 -8.32 0.14
N GLU A 86 14.46 -8.18 0.97
CA GLU A 86 14.46 -8.83 2.27
C GLU A 86 13.33 -8.28 3.11
N ALA A 87 13.26 -6.96 3.22
CA ALA A 87 12.16 -6.30 3.92
C ALA A 87 10.84 -6.87 3.43
N LEU A 88 10.63 -6.80 2.12
CA LEU A 88 9.42 -7.33 1.50
C LEU A 88 9.13 -8.73 2.02
N ALA A 89 10.16 -9.58 2.04
CA ALA A 89 10.02 -10.97 2.48
C ALA A 89 9.57 -11.09 3.93
N PHE A 90 10.24 -10.34 4.81
CA PHE A 90 9.96 -10.40 6.24
C PHE A 90 8.75 -9.57 6.64
N ASN A 91 8.14 -8.90 5.68
CA ASN A 91 6.97 -8.08 5.96
C ASN A 91 7.32 -6.93 6.89
N ILE A 92 8.51 -6.39 6.69
CA ILE A 92 8.88 -5.13 7.33
C ILE A 92 8.62 -3.97 6.37
N PRO A 93 8.10 -2.86 6.91
CA PRO A 93 7.76 -1.70 6.10
C PRO A 93 8.94 -1.05 5.40
N CYS A 94 8.88 -0.98 4.07
CA CYS A 94 9.74 -0.08 3.32
C CYS A 94 9.09 1.30 3.29
N VAL A 95 9.74 2.27 3.93
CA VAL A 95 9.18 3.60 4.08
C VAL A 95 10.09 4.66 3.47
N HIS A 96 9.48 5.71 2.94
CA HIS A 96 10.20 6.86 2.43
C HIS A 96 10.87 7.60 3.57
N PRO A 97 12.05 8.18 3.32
CA PRO A 97 12.90 8.83 4.33
C PRO A 97 12.17 9.87 5.16
N GLN A 98 11.21 10.55 4.54
CA GLN A 98 10.45 11.58 5.22
C GLN A 98 9.88 11.06 6.55
N PHE A 99 9.64 9.76 6.62
CA PHE A 99 9.08 9.16 7.83
C PHE A 99 9.90 9.52 9.06
N ILE A 100 11.20 9.31 8.97
CA ILE A 100 12.13 9.71 10.02
C ILE A 100 12.01 11.19 10.36
N LYS A 101 12.14 12.06 9.37
CA LYS A 101 12.05 13.50 9.61
C LYS A 101 10.76 13.84 10.36
N GLN A 102 9.65 13.25 9.93
CA GLN A 102 8.37 13.42 10.61
C GLN A 102 8.43 12.97 12.06
N CYS A 103 9.08 11.84 12.30
CA CYS A 103 9.25 11.33 13.66
C CYS A 103 9.93 12.34 14.57
N LEU A 104 10.98 12.98 14.06
CA LEU A 104 11.67 14.02 14.83
C LEU A 104 10.78 15.24 15.10
N LYS A 105 9.98 15.64 14.11
CA LYS A 105 9.03 16.73 14.27
C LYS A 105 7.97 16.42 15.33
N MET A 106 7.43 15.21 15.31
CA MET A 106 6.44 14.82 16.30
C MET A 106 7.10 14.38 17.61
N ASN A 107 8.42 14.51 17.66
CA ASN A 107 9.25 13.96 18.72
C ASN A 107 8.78 12.60 19.24
N ARG A 108 8.39 11.74 18.32
CA ARG A 108 7.95 10.38 18.67
C ARG A 108 7.87 9.55 17.39
N VAL A 109 7.78 8.24 17.55
CA VAL A 109 7.62 7.37 16.39
C VAL A 109 6.17 7.44 15.90
N VAL A 110 5.98 8.13 14.79
CA VAL A 110 4.66 8.28 14.22
C VAL A 110 4.29 7.03 13.44
N ASP A 111 3.05 7.00 12.96
CA ASP A 111 2.60 5.90 12.12
C ASP A 111 3.30 6.01 10.78
N PHE A 112 3.93 4.93 10.36
CA PHE A 112 4.75 4.94 9.17
C PHE A 112 3.89 4.89 7.92
N SER A 113 2.64 4.54 8.11
CA SER A 113 1.74 4.30 6.99
C SER A 113 1.81 5.30 5.85
N PRO A 114 1.59 6.59 6.14
CA PRO A 114 1.63 7.64 5.12
C PRO A 114 2.95 7.70 4.35
N TYR A 115 3.92 6.88 4.74
CA TYR A 115 5.24 6.89 4.13
C TYR A 115 5.58 5.53 3.56
N LEU A 116 4.58 4.68 3.48
CA LEU A 116 4.76 3.32 3.02
C LEU A 116 4.84 3.23 1.50
N LEU A 117 6.03 2.99 0.97
CA LEU A 117 6.24 2.94 -0.47
C LEU A 117 5.44 1.77 -1.02
N ALA A 118 5.20 1.77 -2.33
CA ALA A 118 4.58 0.60 -2.95
C ALA A 118 5.54 -0.57 -2.79
N SER A 119 5.05 -1.78 -3.01
CA SER A 119 5.91 -2.95 -2.85
C SER A 119 6.86 -3.09 -4.03
N GLY A 120 6.39 -2.71 -5.22
CA GLY A 120 7.20 -2.82 -6.41
C GLY A 120 6.40 -2.93 -7.69
N TYR A 121 7.09 -3.22 -8.80
CA TYR A 121 6.42 -3.35 -10.09
C TYR A 121 6.32 -4.80 -10.53
N SER A 122 5.11 -5.21 -10.89
CA SER A 122 4.85 -6.58 -11.32
C SER A 122 4.78 -6.67 -12.82
N HIS A 123 5.71 -7.43 -13.39
CA HIS A 123 5.61 -7.71 -14.81
C HIS A 123 4.44 -8.66 -15.09
N ARG A 124 4.18 -9.58 -14.17
CA ARG A 124 3.02 -10.46 -14.28
C ARG A 124 1.74 -9.68 -14.57
N LEU A 125 1.57 -8.53 -13.91
CA LEU A 125 0.35 -7.75 -14.05
C LEU A 125 0.57 -6.39 -14.71
N ASP A 126 1.82 -6.06 -14.96
CA ASP A 126 2.15 -4.76 -15.53
C ASP A 126 1.58 -3.63 -14.68
N CYS A 127 1.93 -3.63 -13.41
CA CYS A 127 1.47 -2.57 -12.53
C CYS A 127 2.31 -2.50 -11.25
N THR A 128 2.16 -1.40 -10.53
CA THR A 128 2.78 -1.24 -9.26
C THR A 128 1.79 -1.64 -8.18
N LEU A 129 2.22 -2.51 -7.27
CA LEU A 129 1.38 -2.91 -6.15
C LEU A 129 1.71 -2.24 -4.82
N SER A 130 0.79 -2.35 -3.87
CA SER A 130 0.98 -1.81 -2.53
C SER A 130 1.58 -2.84 -1.60
N GLN A 131 2.26 -2.36 -0.56
CA GLN A 131 2.72 -3.20 0.53
C GLN A 131 1.53 -3.48 1.44
N ARG A 132 1.59 -4.61 2.15
CA ARG A 132 0.55 -4.95 3.11
C ARG A 132 1.20 -5.49 4.37
N ILE A 133 1.15 -4.70 5.44
CA ILE A 133 2.00 -4.94 6.59
C ILE A 133 1.24 -5.19 7.87
N GLU A 134 1.26 -6.42 8.37
CA GLU A 134 0.62 -6.68 9.64
C GLU A 134 1.09 -5.61 10.59
N PRO A 135 0.16 -4.90 11.22
CA PRO A 135 0.50 -3.74 12.04
C PRO A 135 1.45 -4.12 13.16
N PHE A 136 2.24 -3.16 13.63
CA PHE A 136 3.07 -3.39 14.80
C PHE A 136 2.21 -3.37 16.08
N ASP A 137 2.06 -4.54 16.70
CA ASP A 137 1.44 -4.62 18.02
C ASP A 137 2.53 -4.35 19.03
N THR A 138 2.58 -3.13 19.56
CA THR A 138 3.69 -2.72 20.41
C THR A 138 3.63 -3.30 21.81
N THR A 139 3.42 -4.61 21.87
CA THR A 139 3.54 -5.37 23.11
C THR A 139 4.33 -6.62 22.74
N ASP A 140 4.52 -6.80 21.44
CA ASP A 140 5.29 -7.92 20.90
C ASP A 140 6.60 -7.40 20.31
N SER A 141 7.71 -8.01 20.71
CA SER A 141 8.99 -7.66 20.13
C SER A 141 9.03 -8.07 18.66
N LEU A 142 9.98 -7.55 17.91
CA LEU A 142 10.17 -8.04 16.57
C LEU A 142 10.22 -9.56 16.63
N TYR A 143 11.01 -10.09 17.56
CA TYR A 143 11.12 -11.52 17.74
C TYR A 143 9.75 -12.16 17.79
N ASP A 144 8.91 -11.67 18.71
CA ASP A 144 7.56 -12.20 18.83
C ASP A 144 6.84 -12.18 17.49
N ARG A 145 6.70 -10.98 16.93
CA ARG A 145 6.06 -10.75 15.65
C ARG A 145 6.63 -11.61 14.53
N LEU A 146 7.95 -11.54 14.36
CA LEU A 146 8.64 -12.24 13.29
C LEU A 146 8.47 -13.74 13.38
N LEU A 147 8.33 -14.26 14.59
CA LEU A 147 8.22 -15.68 14.78
C LEU A 147 6.79 -16.20 14.52
N ALA A 148 5.80 -15.35 14.80
CA ALA A 148 4.39 -15.68 14.56
C ALA A 148 4.03 -15.54 13.09
N ARG A 149 4.87 -14.80 12.36
CA ARG A 149 4.68 -14.60 10.94
C ARG A 149 4.72 -15.93 10.20
N LYS A 150 3.58 -16.32 9.63
CA LYS A 150 3.55 -17.42 8.67
C LYS A 150 3.56 -16.81 7.28
N GLY A 151 4.62 -17.08 6.52
CA GLY A 151 4.77 -16.48 5.21
C GLY A 151 3.65 -16.82 4.24
N PRO A 152 3.62 -16.12 3.10
CA PRO A 152 2.63 -16.40 2.05
C PRO A 152 2.91 -17.75 1.42
N LEU A 153 4.17 -18.18 1.50
CA LEU A 153 4.59 -19.47 0.94
C LEU A 153 4.72 -20.47 2.07
N PHE A 154 3.98 -20.23 3.14
CA PHE A 154 4.04 -21.11 4.29
C PHE A 154 3.56 -22.52 3.97
N GLY A 155 4.42 -23.50 4.21
CA GLY A 155 4.07 -24.89 4.01
C GLY A 155 4.57 -25.39 2.68
N LYS A 156 4.49 -24.53 1.67
CA LYS A 156 4.90 -24.91 0.33
C LYS A 156 6.28 -25.56 0.35
N LYS A 157 6.44 -26.66 -0.39
CA LYS A 157 7.70 -27.37 -0.46
C LYS A 157 8.35 -27.11 -1.80
N ILE A 158 9.57 -26.57 -1.76
CA ILE A 158 10.25 -26.13 -2.96
C ILE A 158 11.57 -26.85 -3.19
N LEU A 159 11.77 -27.35 -4.41
CA LEU A 159 13.04 -27.96 -4.78
C LEU A 159 13.84 -26.99 -5.63
N PHE A 160 15.06 -26.71 -5.20
CA PHE A 160 15.94 -25.79 -5.91
C PHE A 160 17.15 -26.56 -6.44
N ILE A 161 17.24 -26.69 -7.76
CA ILE A 161 18.34 -27.45 -8.34
C ILE A 161 19.48 -26.57 -8.83
N ILE A 162 20.58 -26.63 -8.09
CA ILE A 162 21.82 -25.95 -8.47
C ILE A 162 22.93 -26.98 -8.55
N ASN A 174 27.46 -22.05 -3.80
CA ASN A 174 28.18 -21.39 -2.71
C ASN A 174 29.43 -20.64 -3.19
N THR A 175 29.37 -20.12 -4.43
CA THR A 175 30.52 -19.45 -5.02
C THR A 175 30.17 -18.61 -6.25
N GLU A 176 30.38 -17.30 -6.14
CA GLU A 176 30.20 -16.36 -7.26
C GLU A 176 28.74 -16.15 -7.67
N GLN A 177 28.27 -16.97 -8.59
CA GLN A 177 26.88 -16.93 -9.04
C GLN A 177 25.96 -17.55 -8.00
N GLY A 178 26.37 -18.68 -7.45
CA GLY A 178 25.61 -19.38 -6.44
C GLY A 178 25.12 -18.46 -5.34
N GLN A 179 25.93 -17.45 -5.01
CA GLN A 179 25.52 -16.46 -4.03
C GLN A 179 24.19 -15.83 -4.41
N LYS A 180 24.04 -15.48 -5.69
CA LYS A 180 22.79 -14.93 -6.20
C LYS A 180 21.70 -15.99 -6.18
N ALA A 181 22.10 -17.24 -6.40
CA ALA A 181 21.16 -18.35 -6.32
C ALA A 181 20.59 -18.44 -4.91
N LEU A 182 21.49 -18.52 -3.92
CA LEU A 182 21.09 -18.65 -2.53
C LEU A 182 20.18 -17.53 -2.08
N ALA A 183 20.45 -16.33 -2.59
CA ALA A 183 19.62 -15.17 -2.29
C ALA A 183 18.15 -15.51 -2.50
N HIS A 184 17.87 -16.23 -3.58
CA HIS A 184 16.51 -16.62 -3.90
C HIS A 184 15.98 -17.63 -2.90
N VAL A 185 16.82 -18.60 -2.55
CA VAL A 185 16.44 -19.59 -1.56
C VAL A 185 16.07 -18.89 -0.26
N TYR A 186 16.86 -17.88 0.08
CA TYR A 186 16.65 -17.14 1.31
C TYR A 186 15.27 -16.55 1.28
N HIS A 187 14.95 -15.84 0.19
CA HIS A 187 13.66 -15.17 0.07
C HIS A 187 12.53 -16.17 0.15
N ALA A 188 12.68 -17.29 -0.54
CA ALA A 188 11.67 -18.34 -0.46
C ALA A 188 11.47 -18.75 0.99
N LEU A 189 12.59 -18.98 1.69
CA LEU A 189 12.57 -19.31 3.10
C LEU A 189 11.89 -18.22 3.91
N ALA A 190 12.35 -16.99 3.70
CA ALA A 190 11.79 -15.82 4.37
C ALA A 190 10.29 -15.77 4.19
N LEU A 191 9.83 -16.27 3.06
CA LEU A 191 8.42 -16.21 2.70
C LEU A 191 7.66 -17.40 3.29
N GLY A 192 8.33 -18.11 4.19
CA GLY A 192 7.69 -19.17 4.95
C GLY A 192 7.66 -20.51 4.24
N ALA A 193 8.44 -20.64 3.19
CA ALA A 193 8.47 -21.87 2.43
C ALA A 193 9.61 -22.78 2.88
N ASP A 194 9.46 -24.07 2.61
CA ASP A 194 10.51 -25.03 2.94
C ASP A 194 11.24 -25.44 1.67
N VAL A 195 12.48 -25.00 1.56
CA VAL A 195 13.30 -25.26 0.39
C VAL A 195 14.18 -26.48 0.62
N GLU A 196 14.39 -27.25 -0.43
CA GLU A 196 15.31 -28.37 -0.41
C GLU A 196 16.20 -28.26 -1.64
N ILE A 197 17.51 -28.28 -1.43
CA ILE A 197 18.44 -28.09 -2.54
C ILE A 197 19.02 -29.40 -3.08
N ARG A 198 18.60 -29.77 -4.28
CA ARG A 198 19.10 -30.96 -4.93
C ARG A 198 19.92 -30.58 -6.16
N PRO A 199 20.76 -31.52 -6.63
CA PRO A 199 21.41 -31.37 -7.93
C PRO A 199 20.45 -31.77 -9.04
N ASN A 200 19.65 -32.81 -8.79
CA ASN A 200 18.63 -33.27 -9.75
C ASN A 200 17.30 -33.56 -9.08
N VAL A 201 16.23 -33.55 -9.87
CA VAL A 201 14.88 -33.79 -9.36
C VAL A 201 14.63 -35.26 -9.06
N ALA A 202 14.79 -36.09 -10.10
CA ALA A 202 14.56 -37.52 -9.99
C ALA A 202 13.09 -37.86 -9.74
N HIS A 203 12.79 -38.35 -8.55
CA HIS A 203 11.45 -38.83 -8.22
C HIS A 203 10.86 -38.10 -7.01
N LEU A 204 11.48 -36.98 -6.63
CA LEU A 204 11.13 -36.28 -5.40
C LEU A 204 9.71 -35.71 -5.37
N GLU A 205 9.17 -35.59 -4.16
CA GLU A 205 7.90 -34.93 -3.94
C GLU A 205 8.12 -33.44 -3.75
N CYS A 206 7.31 -32.62 -4.41
CA CYS A 206 7.47 -31.17 -4.36
C CYS A 206 6.23 -30.41 -4.80
N ASP A 207 6.04 -29.22 -4.25
CA ASP A 207 4.95 -28.33 -4.63
C ASP A 207 5.34 -27.53 -5.86
N LEU A 208 6.61 -27.16 -5.95
CA LEU A 208 7.17 -26.65 -7.19
C LEU A 208 8.70 -26.62 -7.20
N ILE A 209 9.25 -26.50 -8.40
CA ILE A 209 10.67 -26.66 -8.60
C ILE A 209 11.26 -25.34 -9.07
N LEU A 210 12.35 -24.94 -8.46
CA LEU A 210 12.95 -23.64 -8.75
C LEU A 210 14.30 -23.79 -9.43
N THR A 211 14.32 -23.68 -10.76
CA THR A 211 15.57 -23.66 -11.53
C THR A 211 15.91 -22.22 -11.85
N MET A 212 17.20 -21.92 -11.94
CA MET A 212 17.63 -20.59 -12.31
C MET A 212 17.49 -20.39 -13.82
N ASP A 213 16.75 -19.35 -14.20
CA ASP A 213 16.53 -18.99 -15.60
C ASP A 213 15.27 -19.59 -16.24
N GLY A 214 14.95 -19.01 -17.40
CA GLY A 214 13.64 -19.14 -18.02
C GLY A 214 12.75 -17.92 -17.82
N PRO A 223 4.99 -27.81 -10.63
CA PRO A 223 5.85 -27.72 -11.82
C PRO A 223 7.11 -26.90 -11.56
N VAL A 224 7.69 -26.40 -12.65
CA VAL A 224 8.97 -25.69 -12.56
C VAL A 224 8.83 -24.21 -12.90
N VAL A 225 9.59 -23.38 -12.17
CA VAL A 225 9.52 -21.95 -12.34
C VAL A 225 10.85 -21.26 -12.02
N ASP A 226 10.97 -19.98 -12.38
CA ASP A 226 12.22 -19.22 -12.26
C ASP A 226 12.14 -18.18 -11.15
N PRO A 227 13.30 -17.68 -10.71
CA PRO A 227 13.42 -16.73 -9.60
C PRO A 227 12.45 -15.56 -9.71
N GLU A 228 12.20 -15.09 -10.92
CA GLU A 228 11.25 -14.01 -11.13
C GLU A 228 9.95 -14.30 -10.39
N TRP A 229 9.52 -15.56 -10.45
CA TRP A 229 8.32 -16.01 -9.74
C TRP A 229 8.37 -15.61 -8.28
N ILE A 230 9.53 -15.76 -7.67
CA ILE A 230 9.70 -15.39 -6.27
C ILE A 230 9.53 -13.89 -6.06
N VAL A 231 10.19 -13.10 -6.90
CA VAL A 231 10.03 -11.66 -6.82
C VAL A 231 8.56 -11.30 -6.95
N GLU A 232 7.87 -11.94 -7.89
CA GLU A 232 6.44 -11.76 -8.01
C GLU A 232 5.70 -12.01 -6.69
N CYS A 233 6.09 -13.09 -6.01
CA CYS A 233 5.50 -13.46 -4.72
C CYS A 233 5.88 -12.45 -3.65
N LEU A 234 7.10 -11.95 -3.73
CA LEU A 234 7.59 -10.97 -2.76
C LEU A 234 6.77 -9.71 -2.80
N ILE A 235 6.54 -9.21 -4.00
CA ILE A 235 5.82 -7.95 -4.21
C ILE A 235 4.33 -8.05 -3.92
N SER A 236 3.69 -9.08 -4.48
CA SER A 236 2.28 -9.33 -4.25
C SER A 236 2.00 -10.03 -2.92
N GLN A 237 3.06 -10.32 -2.17
CA GLN A 237 2.95 -11.07 -0.92
C GLN A 237 1.93 -12.19 -1.06
N SER A 238 2.13 -13.07 -2.01
CA SER A 238 1.15 -14.10 -2.28
C SER A 238 1.80 -15.25 -3.02
N ASP A 239 1.17 -16.41 -2.95
CA ASP A 239 1.63 -17.56 -3.72
C ASP A 239 0.99 -17.46 -5.08
N ILE A 240 1.72 -16.88 -6.03
CA ILE A 240 1.12 -16.54 -7.31
C ILE A 240 0.84 -17.78 -8.17
N SER A 241 1.24 -18.94 -7.67
CA SER A 241 0.94 -20.20 -8.35
C SER A 241 -0.54 -20.56 -8.15
N THR A 242 -1.04 -20.37 -6.94
CA THR A 242 -2.44 -20.69 -6.62
C THR A 242 -3.40 -19.93 -7.50
N LEU B 2 -24.40 -16.56 -6.89
CA LEU B 2 -23.48 -15.86 -7.79
C LEU B 2 -22.34 -15.18 -7.04
N ILE B 3 -21.12 -15.58 -7.37
CA ILE B 3 -19.89 -15.13 -6.69
C ILE B 3 -19.87 -13.66 -6.23
N PHE B 4 -20.22 -12.73 -7.11
CA PHE B 4 -20.13 -11.31 -6.77
C PHE B 4 -21.45 -10.80 -6.22
N ASP B 5 -22.13 -11.66 -5.50
CA ASP B 5 -23.46 -11.40 -4.98
C ASP B 5 -23.62 -10.03 -4.32
N ASP B 6 -22.71 -9.70 -3.40
CA ASP B 6 -22.89 -8.51 -2.59
C ASP B 6 -21.79 -7.49 -2.83
N CYS B 7 -21.23 -7.56 -4.03
CA CYS B 7 -20.09 -6.73 -4.39
C CYS B 7 -20.50 -5.62 -5.35
N VAL B 8 -19.99 -4.43 -5.10
CA VAL B 8 -20.17 -3.31 -6.01
C VAL B 8 -18.86 -3.08 -6.75
N PHE B 9 -18.96 -2.84 -8.04
CA PHE B 9 -17.76 -2.60 -8.84
C PHE B 9 -17.85 -1.30 -9.60
N ALA B 10 -16.69 -0.71 -9.82
CA ALA B 10 -16.55 0.39 -10.75
C ALA B 10 -15.30 0.09 -11.56
N PHE B 11 -15.34 0.42 -12.84
CA PHE B 11 -14.16 0.26 -13.68
C PHE B 11 -13.61 1.61 -14.08
N SER B 12 -12.29 1.74 -14.00
CA SER B 12 -11.63 2.95 -14.40
C SER B 12 -10.71 2.60 -15.55
N GLY B 13 -10.36 3.60 -16.37
CA GLY B 13 -9.49 3.37 -17.50
C GLY B 13 -10.08 2.38 -18.48
N PRO B 14 -9.25 1.50 -19.05
CA PRO B 14 -7.83 1.30 -18.74
C PRO B 14 -6.98 2.56 -18.84
N VAL B 15 -6.01 2.70 -17.93
CA VAL B 15 -5.02 3.76 -18.04
C VAL B 15 -4.18 3.57 -19.30
N HIS B 16 -3.96 2.32 -19.69
CA HIS B 16 -3.17 2.01 -20.86
C HIS B 16 -3.97 1.27 -21.91
N GLU B 17 -3.85 1.70 -23.16
CA GLU B 17 -4.60 1.11 -24.25
C GLU B 17 -4.65 -0.42 -24.19
N ASP B 18 -5.85 -0.96 -24.27
CA ASP B 18 -6.06 -2.41 -24.40
C ASP B 18 -5.48 -3.18 -23.22
N ALA B 19 -5.25 -2.47 -22.12
CA ALA B 19 -4.66 -3.08 -20.93
C ALA B 19 -5.61 -4.11 -20.32
N TYR B 20 -6.91 -3.88 -20.45
CA TYR B 20 -7.90 -4.90 -20.10
C TYR B 20 -9.22 -4.75 -20.87
N ASP B 21 -9.97 -5.83 -20.97
CA ASP B 21 -11.22 -5.80 -21.70
C ASP B 21 -12.35 -5.33 -20.77
N ARG B 22 -12.43 -4.02 -20.58
CA ARG B 22 -13.40 -3.47 -19.63
C ARG B 22 -14.82 -3.89 -20.01
N SER B 23 -15.19 -3.60 -21.25
CA SER B 23 -16.48 -4.05 -21.80
C SER B 23 -16.78 -5.49 -21.37
N ALA B 24 -15.78 -6.36 -21.48
CA ALA B 24 -15.95 -7.78 -21.18
C ALA B 24 -16.13 -8.03 -19.69
N LEU B 25 -15.16 -7.53 -18.92
CA LEU B 25 -15.12 -7.70 -17.47
C LEU B 25 -16.41 -7.26 -16.80
N GLU B 26 -16.87 -6.07 -17.18
CA GLU B 26 -18.13 -5.54 -16.66
C GLU B 26 -19.20 -6.63 -16.77
N THR B 27 -19.25 -7.26 -17.93
CA THR B 27 -20.22 -8.32 -18.18
C THR B 27 -20.04 -9.47 -17.19
N VAL B 28 -18.85 -10.06 -17.18
CA VAL B 28 -18.52 -11.15 -16.27
C VAL B 28 -19.09 -10.90 -14.87
N VAL B 29 -18.78 -9.73 -14.33
CA VAL B 29 -19.23 -9.36 -12.99
C VAL B 29 -20.75 -9.36 -12.87
N GLN B 30 -21.43 -8.69 -13.82
CA GLN B 30 -22.89 -8.75 -13.88
C GLN B 30 -23.36 -10.19 -13.98
N ASP B 31 -22.81 -10.91 -14.96
CA ASP B 31 -23.11 -12.32 -15.16
C ASP B 31 -23.00 -13.12 -13.86
N HIS B 32 -22.27 -12.60 -12.89
CA HIS B 32 -22.09 -13.30 -11.63
C HIS B 32 -22.65 -12.55 -10.42
N GLY B 33 -23.68 -11.75 -10.65
CA GLY B 33 -24.44 -11.18 -9.57
C GLY B 33 -23.87 -9.89 -8.99
N GLY B 34 -22.78 -9.43 -9.56
CA GLY B 34 -22.18 -8.19 -9.08
C GLY B 34 -22.88 -6.96 -9.62
N LEU B 35 -22.85 -5.90 -8.83
CA LEU B 35 -23.39 -4.62 -9.25
C LEU B 35 -22.27 -3.78 -9.88
N VAL B 36 -22.58 -3.10 -10.98
CA VAL B 36 -21.59 -2.30 -11.68
C VAL B 36 -22.00 -0.84 -11.79
N LEU B 37 -21.33 0.02 -11.03
CA LEU B 37 -21.64 1.45 -11.07
C LEU B 37 -20.82 2.13 -12.17
N ASP B 38 -21.50 2.53 -13.23
CA ASP B 38 -20.79 3.07 -14.38
C ASP B 38 -20.21 4.46 -14.17
N THR B 39 -20.79 5.22 -13.26
CA THR B 39 -20.33 6.58 -13.00
C THR B 39 -19.35 6.65 -11.85
N GLY B 40 -19.08 5.52 -11.21
CA GLY B 40 -18.19 5.51 -10.07
C GLY B 40 -18.97 5.22 -8.82
N LEU B 41 -18.51 5.71 -7.68
CA LEU B 41 -19.04 5.29 -6.38
C LEU B 41 -19.91 6.34 -5.69
N ARG B 42 -20.00 7.51 -6.30
CA ARG B 42 -20.79 8.59 -5.71
C ARG B 42 -22.21 8.15 -5.30
N PRO B 43 -22.85 7.31 -6.14
CA PRO B 43 -24.14 6.68 -5.80
C PRO B 43 -24.23 6.21 -4.37
N LEU B 44 -23.11 5.76 -3.80
CA LEU B 44 -23.12 5.16 -2.47
C LEU B 44 -23.24 6.20 -1.37
N PHE B 45 -23.18 7.48 -1.74
CA PHE B 45 -23.23 8.56 -0.76
C PHE B 45 -24.27 9.59 -1.11
N ASN B 46 -24.54 10.48 -0.17
CA ASN B 46 -25.42 11.59 -0.43
C ASN B 46 -24.81 12.48 -1.51
N ASP B 47 -25.64 13.34 -2.09
CA ASP B 47 -25.11 14.42 -2.90
C ASP B 47 -25.03 15.65 -2.00
N PRO B 48 -23.80 16.10 -1.70
CA PRO B 48 -23.61 17.22 -0.78
C PRO B 48 -24.20 18.49 -1.35
N PHE B 49 -24.34 18.52 -2.68
CA PHE B 49 -24.76 19.73 -3.37
C PHE B 49 -26.24 19.69 -3.77
N LYS B 50 -26.97 18.71 -3.25
CA LYS B 50 -28.41 18.67 -3.47
C LYS B 50 -29.03 20.03 -3.12
N SER B 51 -29.15 20.40 -1.84
CA SER B 51 -28.82 19.68 -0.61
C SER B 51 -28.82 20.77 0.43
N LYS B 52 -28.48 21.97 -0.07
CA LYS B 52 -28.29 23.19 0.71
C LYS B 52 -27.18 23.95 0.00
N GLN B 53 -26.18 24.36 0.79
CA GLN B 53 -24.98 25.01 0.29
C GLN B 53 -24.15 25.42 1.49
N LYS B 54 -23.57 26.61 1.45
CA LYS B 54 -22.87 27.17 2.60
C LYS B 54 -21.86 26.18 3.21
N LYS B 55 -22.04 25.87 4.49
CA LYS B 55 -21.20 24.90 5.17
C LYS B 55 -21.70 23.51 4.80
N LEU B 56 -20.89 22.74 4.08
CA LEU B 56 -21.37 21.42 3.68
C LEU B 56 -20.85 20.34 4.61
N ARG B 57 -21.76 19.49 5.08
CA ARG B 57 -21.37 18.39 5.94
C ARG B 57 -20.77 17.26 5.12
N HIS B 58 -19.73 16.64 5.65
CA HIS B 58 -19.03 15.54 4.96
C HIS B 58 -19.99 14.42 4.58
N LEU B 59 -19.51 13.48 3.78
CA LEU B 59 -20.37 12.48 3.16
C LEU B 59 -20.94 11.46 4.14
N LYS B 60 -22.18 11.06 3.88
CA LYS B 60 -22.81 9.96 4.59
C LYS B 60 -23.25 8.95 3.53
N PRO B 61 -23.25 7.66 3.89
CA PRO B 61 -23.63 6.61 2.95
C PRO B 61 -25.14 6.54 2.70
N GLN B 62 -25.56 6.64 1.44
CA GLN B 62 -26.97 6.44 1.09
C GLN B 62 -27.41 5.05 1.56
N LYS B 63 -28.65 4.95 2.02
CA LYS B 63 -29.14 3.72 2.67
C LYS B 63 -28.94 2.50 1.79
N ARG B 64 -28.96 2.73 0.48
CA ARG B 64 -28.78 1.67 -0.50
C ARG B 64 -27.57 0.77 -0.18
N SER B 65 -26.45 1.41 0.12
CA SER B 65 -25.20 0.70 0.40
C SER B 65 -25.37 -0.40 1.44
N LYS B 66 -26.52 -0.42 2.11
CA LYS B 66 -26.77 -1.42 3.14
C LYS B 66 -26.88 -2.80 2.51
N SER B 67 -27.18 -2.82 1.22
CA SER B 67 -27.46 -4.06 0.51
C SER B 67 -26.20 -4.76 -0.05
N TRP B 68 -25.04 -4.14 0.10
CA TRP B 68 -23.78 -4.77 -0.29
C TRP B 68 -22.73 -4.75 0.82
N ASN B 69 -21.72 -5.59 0.69
CA ASN B 69 -20.70 -5.66 1.74
C ASN B 69 -19.27 -5.44 1.24
N GLN B 70 -19.08 -5.43 -0.08
CA GLN B 70 -17.76 -5.18 -0.64
C GLN B 70 -17.84 -4.31 -1.88
N ALA B 71 -16.83 -3.46 -2.06
CA ALA B 71 -16.74 -2.64 -3.25
C ALA B 71 -15.29 -2.60 -3.73
N PHE B 72 -15.11 -2.49 -5.03
CA PHE B 72 -13.79 -2.37 -5.62
C PHE B 72 -13.85 -1.44 -6.82
N VAL B 73 -12.76 -0.72 -7.04
CA VAL B 73 -12.58 -0.05 -8.32
C VAL B 73 -11.51 -0.80 -9.11
N VAL B 74 -11.88 -1.27 -10.28
CA VAL B 74 -10.92 -1.99 -11.11
C VAL B 74 -10.15 -1.04 -12.02
N SER B 75 -8.84 -1.23 -12.07
CA SER B 75 -8.02 -0.45 -12.98
C SER B 75 -6.81 -1.27 -13.29
N ASP B 76 -6.20 -1.03 -14.45
CA ASP B 76 -5.01 -1.78 -14.85
C ASP B 76 -3.82 -1.28 -14.05
N THR B 77 -3.89 -0.03 -13.62
CA THR B 77 -2.89 0.53 -12.75
C THR B 77 -3.44 1.77 -12.05
N PHE B 78 -2.66 2.36 -11.16
CA PHE B 78 -3.11 3.55 -10.45
C PHE B 78 -3.16 4.74 -11.39
N SER B 79 -4.11 5.63 -11.14
CA SER B 79 -4.27 6.83 -11.95
C SER B 79 -4.86 7.94 -11.10
N ARG B 80 -5.10 9.09 -11.70
CA ARG B 80 -5.76 10.19 -11.02
C ARG B 80 -7.14 10.40 -11.64
N LYS B 81 -7.55 9.43 -12.44
CA LYS B 81 -8.88 9.42 -13.01
C LYS B 81 -9.88 9.45 -11.86
N VAL B 82 -10.99 10.15 -12.06
CA VAL B 82 -11.85 10.52 -10.93
C VAL B 82 -12.42 9.33 -10.17
N LYS B 83 -12.70 8.22 -10.86
CA LYS B 83 -13.15 7.02 -10.16
C LYS B 83 -12.07 6.49 -9.23
N TYR B 84 -10.81 6.60 -9.65
CA TYR B 84 -9.70 6.17 -8.83
C TYR B 84 -9.62 7.05 -7.58
N LEU B 85 -9.59 8.35 -7.79
CA LEU B 85 -9.51 9.29 -6.68
C LEU B 85 -10.68 9.12 -5.72
N GLU B 86 -11.88 8.86 -6.24
CA GLU B 86 -13.04 8.67 -5.38
C GLU B 86 -12.79 7.46 -4.51
N ALA B 87 -12.42 6.36 -5.15
CA ALA B 87 -12.07 5.12 -4.44
C ALA B 87 -11.09 5.44 -3.34
N LEU B 88 -9.98 6.05 -3.74
CA LEU B 88 -8.95 6.45 -2.80
C LEU B 88 -9.57 7.17 -1.62
N ALA B 89 -10.46 8.11 -1.90
CA ALA B 89 -11.08 8.92 -0.86
C ALA B 89 -11.91 8.08 0.10
N PHE B 90 -12.73 7.18 -0.45
CA PHE B 90 -13.66 6.37 0.35
C PHE B 90 -12.97 5.17 0.98
N ASN B 91 -11.69 5.02 0.69
CA ASN B 91 -10.95 3.88 1.19
C ASN B 91 -11.49 2.56 0.63
N ILE B 92 -11.89 2.60 -0.65
CA ILE B 92 -12.27 1.37 -1.35
C ILE B 92 -11.08 0.91 -2.17
N PRO B 93 -10.82 -0.40 -2.18
CA PRO B 93 -9.67 -0.97 -2.88
C PRO B 93 -9.69 -0.73 -4.39
N CYS B 94 -8.64 -0.07 -4.89
CA CYS B 94 -8.33 -0.11 -6.32
C CYS B 94 -7.53 -1.37 -6.61
N VAL B 95 -8.11 -2.28 -7.36
CA VAL B 95 -7.47 -3.56 -7.62
C VAL B 95 -7.29 -3.78 -9.12
N HIS B 96 -6.21 -4.48 -9.45
CA HIS B 96 -5.94 -4.90 -10.81
C HIS B 96 -6.99 -5.91 -11.27
N PRO B 97 -7.37 -5.88 -12.56
CA PRO B 97 -8.43 -6.70 -13.16
C PRO B 97 -8.28 -8.19 -12.85
N GLN B 98 -7.03 -8.65 -12.79
CA GLN B 98 -6.75 -10.05 -12.51
C GLN B 98 -7.55 -10.56 -11.30
N PHE B 99 -7.83 -9.65 -10.37
CA PHE B 99 -8.55 -9.99 -9.15
C PHE B 99 -9.84 -10.73 -9.46
N ILE B 100 -10.63 -10.14 -10.36
CA ILE B 100 -11.86 -10.77 -10.84
C ILE B 100 -11.61 -12.17 -11.42
N LYS B 101 -10.71 -12.25 -12.40
CA LYS B 101 -10.40 -13.53 -13.03
C LYS B 101 -10.09 -14.58 -11.97
N GLN B 102 -9.24 -14.21 -11.01
CA GLN B 102 -8.90 -15.08 -9.89
C GLN B 102 -10.13 -15.52 -9.12
N CYS B 103 -11.03 -14.58 -8.86
CA CYS B 103 -12.29 -14.89 -8.19
C CYS B 103 -13.08 -15.99 -8.90
N LEU B 104 -13.16 -15.92 -10.23
CA LEU B 104 -13.86 -16.95 -11.00
C LEU B 104 -13.16 -18.30 -10.91
N LYS B 105 -11.83 -18.28 -10.93
CA LYS B 105 -11.04 -19.49 -10.77
C LYS B 105 -11.26 -20.15 -9.39
N MET B 106 -11.28 -19.35 -8.33
CA MET B 106 -11.51 -19.89 -7.00
C MET B 106 -12.99 -20.08 -6.74
N ASN B 107 -13.79 -19.84 -7.77
CA ASN B 107 -15.25 -19.75 -7.66
C ASN B 107 -15.75 -19.11 -6.36
N ARG B 108 -15.07 -18.05 -5.94
CA ARG B 108 -15.43 -17.30 -4.76
C ARG B 108 -14.70 -15.97 -4.72
N VAL B 109 -15.16 -15.05 -3.88
CA VAL B 109 -14.47 -13.77 -3.77
C VAL B 109 -13.22 -13.97 -2.93
N VAL B 110 -12.07 -13.94 -3.60
CA VAL B 110 -10.80 -14.14 -2.93
C VAL B 110 -10.36 -12.85 -2.24
N ASP B 111 -9.27 -12.93 -1.50
CA ASP B 111 -8.69 -11.75 -0.92
C ASP B 111 -8.12 -10.89 -2.03
N PHE B 112 -8.53 -9.64 -2.06
CA PHE B 112 -8.13 -8.73 -3.13
C PHE B 112 -6.70 -8.24 -2.96
N SER B 113 -6.18 -8.40 -1.75
CA SER B 113 -4.87 -7.86 -1.40
C SER B 113 -3.78 -8.01 -2.46
N PRO B 114 -3.50 -9.24 -2.89
CA PRO B 114 -2.43 -9.47 -3.87
C PRO B 114 -2.66 -8.72 -5.18
N TYR B 115 -3.78 -8.02 -5.30
CA TYR B 115 -4.15 -7.31 -6.51
C TYR B 115 -4.34 -5.82 -6.26
N LEU B 116 -3.90 -5.40 -5.08
CA LEU B 116 -4.10 -4.03 -4.65
C LEU B 116 -3.05 -3.11 -5.25
N LEU B 117 -3.47 -2.27 -6.19
CA LEU B 117 -2.53 -1.38 -6.88
C LEU B 117 -1.99 -0.41 -5.86
N ALA B 118 -0.88 0.24 -6.18
CA ALA B 118 -0.39 1.32 -5.34
C ALA B 118 -1.44 2.42 -5.33
N SER B 119 -1.34 3.34 -4.38
CA SER B 119 -2.31 4.41 -4.30
C SER B 119 -2.05 5.47 -5.36
N GLY B 120 -0.78 5.69 -5.69
CA GLY B 120 -0.43 6.69 -6.68
C GLY B 120 0.96 7.26 -6.52
N TYR B 121 1.29 8.28 -7.31
CA TYR B 121 2.61 8.88 -7.26
C TYR B 121 2.56 10.23 -6.57
N SER B 122 3.44 10.40 -5.59
CA SER B 122 3.47 11.63 -4.82
C SER B 122 4.58 12.53 -5.31
N HIS B 123 4.22 13.72 -5.78
CA HIS B 123 5.25 14.67 -6.14
C HIS B 123 5.91 15.21 -4.87
N ARG B 124 5.13 15.34 -3.81
CA ARG B 124 5.65 15.77 -2.51
C ARG B 124 6.87 14.95 -2.10
N LEU B 125 6.82 13.65 -2.33
CA LEU B 125 7.91 12.77 -1.91
C LEU B 125 8.68 12.14 -3.09
N ASP B 126 8.22 12.38 -4.31
CA ASP B 126 8.80 11.74 -5.49
C ASP B 126 8.84 10.24 -5.32
N CYS B 127 7.69 9.64 -5.06
CA CYS B 127 7.62 8.20 -4.98
C CYS B 127 6.19 7.68 -5.11
N THR B 128 6.08 6.39 -5.38
CA THR B 128 4.80 5.72 -5.44
C THR B 128 4.48 5.13 -4.08
N LEU B 129 3.30 5.43 -3.57
CA LEU B 129 2.88 4.92 -2.27
C LEU B 129 1.89 3.76 -2.36
N SER B 130 1.74 3.05 -1.24
CA SER B 130 0.79 1.94 -1.15
C SER B 130 -0.58 2.42 -0.67
N GLN B 131 -1.60 1.68 -1.08
CA GLN B 131 -2.94 1.83 -0.51
C GLN B 131 -2.97 1.20 0.88
N ARG B 132 -3.88 1.67 1.72
CA ARG B 132 -4.04 1.12 3.05
C ARG B 132 -5.52 1.06 3.35
N ILE B 133 -6.05 -0.15 3.36
CA ILE B 133 -7.48 -0.35 3.32
C ILE B 133 -8.01 -1.11 4.53
N GLU B 134 -8.74 -0.42 5.41
CA GLU B 134 -9.37 -1.11 6.53
C GLU B 134 -10.05 -2.33 5.95
N PRO B 135 -9.72 -3.51 6.48
CA PRO B 135 -10.20 -4.76 5.90
C PRO B 135 -11.73 -4.81 5.85
N PHE B 136 -12.27 -5.59 4.92
CA PHE B 136 -13.70 -5.83 4.91
C PHE B 136 -14.11 -6.80 6.02
N ASP B 137 -14.81 -6.29 7.03
CA ASP B 137 -15.46 -7.11 8.04
C ASP B 137 -16.80 -7.57 7.49
N THR B 138 -16.85 -8.79 6.98
CA THR B 138 -18.02 -9.25 6.26
C THR B 138 -19.19 -9.58 7.19
N THR B 139 -19.48 -8.66 8.09
CA THR B 139 -20.69 -8.71 8.90
C THR B 139 -21.27 -7.31 8.88
N ASP B 140 -20.49 -6.38 8.32
CA ASP B 140 -20.90 -5.00 8.17
C ASP B 140 -21.12 -4.70 6.68
N SER B 141 -22.26 -4.13 6.35
CA SER B 141 -22.51 -3.70 4.99
C SER B 141 -21.56 -2.57 4.63
N LEU B 142 -21.42 -2.28 3.34
CA LEU B 142 -20.71 -1.09 2.93
C LEU B 142 -21.23 0.06 3.76
N TYR B 143 -22.55 0.19 3.81
CA TYR B 143 -23.18 1.24 4.61
C TYR B 143 -22.57 1.33 6.01
N ASP B 144 -22.59 0.21 6.73
CA ASP B 144 -22.01 0.15 8.07
C ASP B 144 -20.59 0.67 8.03
N ARG B 145 -19.74 -0.02 7.27
CA ARG B 145 -18.33 0.34 7.10
C ARG B 145 -18.12 1.79 6.74
N LEU B 146 -18.77 2.22 5.66
CA LEU B 146 -18.59 3.55 5.11
C LEU B 146 -18.98 4.64 6.10
N LEU B 147 -19.93 4.32 6.96
CA LEU B 147 -20.43 5.31 7.90
C LEU B 147 -19.55 5.43 9.14
N ALA B 148 -18.90 4.32 9.51
CA ALA B 148 -17.98 4.32 10.64
C ALA B 148 -16.63 4.90 10.25
N ARG B 149 -16.40 4.96 8.94
CA ARG B 149 -15.17 5.55 8.41
C ARG B 149 -15.02 7.00 8.84
N LYS B 150 -14.00 7.29 9.65
CA LYS B 150 -13.62 8.67 9.90
C LYS B 150 -12.42 8.94 9.02
N GLY B 151 -12.59 9.87 8.08
CA GLY B 151 -11.54 10.18 7.14
C GLY B 151 -10.24 10.70 7.75
N PRO B 152 -9.18 10.76 6.93
CA PRO B 152 -7.90 11.27 7.41
C PRO B 152 -8.01 12.76 7.71
N LEU B 153 -8.95 13.42 7.04
CA LEU B 153 -9.20 14.85 7.23
C LEU B 153 -10.40 15.05 8.13
N PHE B 154 -10.68 14.05 8.96
CA PHE B 154 -11.81 14.11 9.85
C PHE B 154 -11.69 15.24 10.86
N GLY B 155 -12.68 16.12 10.85
CA GLY B 155 -12.71 17.22 11.80
C GLY B 155 -12.19 18.50 11.20
N LYS B 156 -11.14 18.36 10.39
CA LYS B 156 -10.50 19.53 9.76
C LYS B 156 -11.56 20.43 9.11
N LYS B 157 -11.44 21.73 9.33
CA LYS B 157 -12.38 22.70 8.76
C LYS B 157 -11.69 23.43 7.62
N ILE B 158 -12.31 23.34 6.43
CA ILE B 158 -11.71 23.85 5.21
C ILE B 158 -12.58 24.92 4.56
N LEU B 159 -11.95 26.05 4.20
CA LEU B 159 -12.62 27.09 3.45
C LEU B 159 -12.21 27.04 1.99
N PHE B 160 -13.19 26.95 1.10
CA PHE B 160 -12.91 26.88 -0.33
C PHE B 160 -13.48 28.11 -1.00
N ILE B 161 -12.60 28.97 -1.51
CA ILE B 161 -13.05 30.20 -2.13
C ILE B 161 -13.13 30.10 -3.65
N ILE B 162 -14.37 30.06 -4.15
CA ILE B 162 -14.64 30.11 -5.57
C ILE B 162 -15.54 31.31 -5.83
N PRO B 163 -15.24 32.07 -6.88
CA PRO B 163 -16.01 33.26 -7.30
C PRO B 163 -17.16 32.93 -8.25
N ASN B 174 -20.39 26.12 -10.06
CA ASN B 174 -21.44 25.23 -10.54
C ASN B 174 -21.61 25.28 -12.06
N THR B 175 -20.53 25.53 -12.77
CA THR B 175 -20.59 25.66 -14.23
C THR B 175 -19.20 25.59 -14.91
N GLU B 176 -19.03 24.56 -15.75
CA GLU B 176 -17.83 24.40 -16.57
C GLU B 176 -16.57 24.04 -15.76
N GLN B 177 -15.86 25.06 -15.32
CA GLN B 177 -14.66 24.86 -14.51
C GLN B 177 -15.05 24.50 -13.08
N GLY B 178 -16.04 25.20 -12.55
CA GLY B 178 -16.53 24.97 -11.20
C GLY B 178 -16.77 23.50 -10.91
N GLN B 179 -17.20 22.76 -11.92
CA GLN B 179 -17.40 21.32 -11.78
C GLN B 179 -16.11 20.66 -11.30
N LYS B 180 -14.99 21.04 -11.89
CA LYS B 180 -13.69 20.54 -11.47
C LYS B 180 -13.34 21.06 -10.08
N ALA B 181 -13.80 22.26 -9.78
CA ALA B 181 -13.63 22.81 -8.44
C ALA B 181 -14.34 21.94 -7.41
N LEU B 182 -15.63 21.72 -7.63
CA LEU B 182 -16.46 20.92 -6.73
C LEU B 182 -15.89 19.53 -6.50
N ALA B 183 -15.34 18.95 -7.57
CA ALA B 183 -14.69 17.64 -7.47
C ALA B 183 -13.76 17.60 -6.28
N HIS B 184 -13.00 18.67 -6.10
CA HIS B 184 -12.05 18.77 -5.01
C HIS B 184 -12.76 18.86 -3.67
N VAL B 185 -13.80 19.66 -3.62
CA VAL B 185 -14.60 19.77 -2.40
C VAL B 185 -15.11 18.39 -2.02
N TYR B 186 -15.59 17.67 -3.03
CA TYR B 186 -16.11 16.33 -2.81
C TYR B 186 -15.07 15.48 -2.12
N HIS B 187 -13.88 15.40 -2.72
CA HIS B 187 -12.81 14.59 -2.17
C HIS B 187 -12.49 15.01 -0.74
N ALA B 188 -12.43 16.32 -0.51
CA ALA B 188 -12.16 16.82 0.84
C ALA B 188 -13.22 16.28 1.77
N LEU B 189 -14.47 16.36 1.34
CA LEU B 189 -15.58 15.84 2.10
C LEU B 189 -15.42 14.35 2.32
N ALA B 190 -15.17 13.64 1.23
CA ALA B 190 -15.01 12.19 1.26
C ALA B 190 -13.93 11.82 2.26
N LEU B 191 -12.97 12.70 2.43
CA LEU B 191 -11.84 12.45 3.31
C LEU B 191 -12.17 12.84 4.75
N GLY B 192 -13.45 13.08 5.01
CA GLY B 192 -13.95 13.30 6.35
C GLY B 192 -13.81 14.73 6.85
N ALA B 193 -13.54 15.64 5.92
CA ALA B 193 -13.35 17.02 6.29
C ALA B 193 -14.64 17.82 6.11
N ASP B 194 -14.74 18.93 6.83
CA ASP B 194 -15.90 19.80 6.72
C ASP B 194 -15.53 21.02 5.91
N VAL B 195 -16.08 21.09 4.70
CA VAL B 195 -15.80 22.18 3.78
C VAL B 195 -16.86 23.26 3.90
N GLU B 196 -16.44 24.52 3.76
CA GLU B 196 -17.34 25.66 3.71
C GLU B 196 -16.94 26.51 2.51
N ILE B 197 -17.89 26.79 1.63
CA ILE B 197 -17.57 27.53 0.41
C ILE B 197 -17.92 29.01 0.49
N ARG B 198 -16.89 29.85 0.52
CA ARG B 198 -17.09 31.28 0.57
C ARG B 198 -16.58 31.90 -0.71
N PRO B 199 -17.01 33.13 -1.01
CA PRO B 199 -16.39 33.92 -2.08
C PRO B 199 -15.10 34.57 -1.58
N ASN B 200 -15.11 35.01 -0.33
CA ASN B 200 -13.92 35.57 0.30
C ASN B 200 -13.69 35.05 1.72
N VAL B 201 -12.46 35.14 2.19
CA VAL B 201 -12.09 34.68 3.52
C VAL B 201 -12.59 35.61 4.63
N ALA B 202 -12.16 36.86 4.56
CA ALA B 202 -12.52 37.87 5.57
C ALA B 202 -11.89 37.56 6.93
N HIS B 203 -12.73 37.19 7.89
CA HIS B 203 -12.29 37.02 9.26
C HIS B 203 -12.63 35.61 9.77
N LEU B 204 -12.95 34.72 8.85
CA LEU B 204 -13.45 33.39 9.20
C LEU B 204 -12.43 32.52 9.95
N GLU B 205 -12.95 31.59 10.75
CA GLU B 205 -12.13 30.58 11.41
C GLU B 205 -11.98 29.37 10.50
N CYS B 206 -10.76 28.85 10.40
CA CYS B 206 -10.49 27.73 9.51
C CYS B 206 -9.18 27.03 9.84
N ASP B 207 -9.12 25.74 9.51
CA ASP B 207 -7.92 24.94 9.68
C ASP B 207 -7.01 25.10 8.47
N LEU B 208 -7.61 25.20 7.29
CA LEU B 208 -6.89 25.67 6.12
C LEU B 208 -7.81 26.12 4.98
N ILE B 209 -7.23 26.87 4.05
CA ILE B 209 -7.98 27.51 2.98
C ILE B 209 -7.60 26.91 1.64
N LEU B 210 -8.59 26.57 0.84
CA LEU B 210 -8.35 25.88 -0.42
C LEU B 210 -8.72 26.77 -1.61
N THR B 211 -7.73 27.43 -2.19
CA THR B 211 -7.93 28.20 -3.42
C THR B 211 -7.48 27.35 -4.58
N MET B 212 -8.10 27.55 -5.74
CA MET B 212 -7.68 26.85 -6.93
C MET B 212 -6.45 27.48 -7.55
N ASP B 213 -5.42 26.67 -7.76
CA ASP B 213 -4.12 27.15 -8.25
C ASP B 213 -3.48 27.97 -7.14
N GLY B 214 -3.47 29.29 -7.35
CA GLY B 214 -3.03 30.23 -6.33
C GLY B 214 -3.95 31.43 -6.22
N ASN B 215 -3.71 32.26 -5.20
CA ASN B 215 -4.48 33.50 -4.94
C ASN B 215 -4.43 33.96 -3.49
N ILE B 216 -5.60 34.27 -2.93
CA ILE B 216 -5.75 34.71 -1.54
C ILE B 216 -4.77 35.80 -1.09
N VAL B 217 -5.30 37.00 -0.84
CA VAL B 217 -4.47 38.15 -0.48
C VAL B 217 -3.50 37.84 0.69
N ASP B 218 -3.90 37.92 1.97
CA ASP B 218 -5.20 38.40 2.44
C ASP B 218 -5.15 38.40 3.97
N GLU B 219 -3.96 38.13 4.51
CA GLU B 219 -3.82 37.83 5.93
C GLU B 219 -4.72 36.65 6.21
N THR B 220 -4.20 35.44 5.97
CA THR B 220 -5.05 34.26 5.90
C THR B 220 -6.10 34.13 7.04
N ASN B 221 -5.74 33.75 8.27
CA ASN B 221 -4.48 33.12 8.63
C ASN B 221 -4.84 31.66 8.96
N CYS B 222 -4.22 30.70 8.30
CA CYS B 222 -4.81 29.37 8.30
C CYS B 222 -3.96 28.10 8.18
N PRO B 223 -3.29 27.87 7.05
CA PRO B 223 -2.97 28.68 5.87
C PRO B 223 -3.68 28.23 4.60
N VAL B 224 -3.12 28.63 3.47
CA VAL B 224 -3.74 28.42 2.17
C VAL B 224 -2.97 27.42 1.31
N VAL B 225 -3.73 26.59 0.60
CA VAL B 225 -3.13 25.54 -0.20
C VAL B 225 -3.98 25.21 -1.45
N ASP B 226 -3.39 24.47 -2.39
CA ASP B 226 -4.03 24.17 -3.67
C ASP B 226 -4.47 22.71 -3.78
N PRO B 227 -5.36 22.43 -4.73
CA PRO B 227 -5.98 21.11 -4.91
C PRO B 227 -4.97 19.97 -4.87
N GLU B 228 -3.78 20.23 -5.38
CA GLU B 228 -2.73 19.22 -5.37
C GLU B 228 -2.54 18.66 -3.96
N TRP B 229 -2.63 19.55 -2.98
CA TRP B 229 -2.55 19.15 -1.58
C TRP B 229 -3.53 18.01 -1.26
N ILE B 230 -4.75 18.13 -1.79
CA ILE B 230 -5.78 17.12 -1.59
C ILE B 230 -5.38 15.79 -2.20
N VAL B 231 -4.94 15.82 -3.45
CA VAL B 231 -4.47 14.61 -4.10
C VAL B 231 -3.37 13.97 -3.27
N GLU B 232 -2.46 14.79 -2.76
CA GLU B 232 -1.43 14.31 -1.86
C GLU B 232 -2.03 13.58 -0.66
N CYS B 233 -3.07 14.16 -0.06
CA CYS B 233 -3.81 13.55 1.05
C CYS B 233 -4.53 12.27 0.63
N LEU B 234 -5.09 12.29 -0.57
CA LEU B 234 -5.79 11.13 -1.12
C LEU B 234 -4.90 9.91 -1.22
N ILE B 235 -3.71 10.11 -1.77
CA ILE B 235 -2.75 9.04 -2.02
C ILE B 235 -2.09 8.54 -0.73
N SER B 236 -1.62 9.47 0.08
CA SER B 236 -0.96 9.12 1.33
C SER B 236 -1.98 8.88 2.43
N GLN B 237 -3.27 8.99 2.09
CA GLN B 237 -4.33 8.85 3.08
C GLN B 237 -3.93 9.48 4.41
N SER B 238 -3.61 10.76 4.38
CA SER B 238 -3.14 11.43 5.56
C SER B 238 -3.34 12.92 5.42
N ASP B 239 -3.34 13.62 6.55
CA ASP B 239 -3.39 15.06 6.53
C ASP B 239 -1.95 15.53 6.44
N ILE B 240 -1.51 15.81 5.22
CA ILE B 240 -0.11 16.09 4.98
C ILE B 240 0.31 17.46 5.51
N SER B 241 -0.64 18.22 6.04
CA SER B 241 -0.32 19.49 6.71
C SER B 241 0.32 19.24 8.07
N THR B 242 -0.22 18.28 8.82
CA THR B 242 0.31 17.94 10.15
C THR B 242 1.78 17.55 10.10
N SEP C 1 23.09 -2.75 -4.16
CA SEP C 1 22.58 -4.00 -3.62
CB SEP C 1 21.73 -3.74 -2.36
OG SEP C 1 21.24 -2.41 -2.34
C SEP C 1 21.79 -4.82 -4.64
O SEP C 1 20.78 -5.44 -4.31
P SEP C 1 20.91 -2.01 -0.81
O1P SEP C 1 21.46 -0.51 -0.52
O2P SEP C 1 21.63 -3.08 0.15
O3P SEP C 1 19.33 -2.12 -0.57
N GLN C 2 22.26 -4.79 -5.88
CA GLN C 2 21.75 -5.62 -6.98
C GLN C 2 20.86 -4.93 -8.00
N GLU C 3 19.62 -4.65 -7.62
CA GLU C 3 18.62 -4.28 -8.62
C GLU C 3 18.41 -5.49 -9.52
N LEU C 4 17.22 -5.59 -10.13
CA LEU C 4 16.86 -6.75 -10.92
C LEU C 4 16.01 -6.38 -12.13
PR PR D . 13.23 0.74 25.19
PR PR E . 3.98 -8.00 -18.90
PR PR F . -26.68 -11.88 -0.35
PR PR G . -26.99 -8.27 0.24
#